data_5DSX
#
_entry.id   5DSX
#
_cell.length_a   158.140
_cell.length_b   158.140
_cell.length_c   73.980
_cell.angle_alpha   90.00
_cell.angle_beta   90.00
_cell.angle_gamma   120.00
#
_symmetry.space_group_name_H-M   'P 63'
#
loop_
_entity.id
_entity.type
_entity.pdbx_description
1 polymer 'Histone-lysine N-methyltransferase, H3 lysine-79 specific'
2 non-polymer 'POTASSIUM ION'
3 non-polymer "6'-chloro-1,4-dimethyl-5'-(2-methyl-6-{[4-(methylamino)pyrimidin-2-yl]amino}-1H-indol-1-yl)-3,3'-bipyridin-2(1H)-one"
4 water water
#
_entity_poly.entity_id   1
_entity_poly.type   'polypeptide(L)'
_entity_poly.pdbx_seq_one_letter_code
;GPGEKLELRLKSPVGAEPAVYPWPLPVYDKHHDAAHEIIETIRWVCEEIPDLKLAMENYVLIDYDTKSFESMQRLCDKYN
RAIDSIHQLWKGTTQPMKLNTRPSTGLLRHILQQVYNHSVTDPEKLNNYEPFSPEVYGETSFDLVAQMIDEIKMTDDDLF
VDLGSGVGQVVLQVAAATNCKHHYGVEKADIPAKYAETMDREFRKWMKWYGKKHAEYTLERGDFLSEEWRERIANTSVIF
VNNFAFGPEVDHQLKERFANMKEGGRIVSSKPFAPLNFRINSRNLSDIGTIMRVVELSPLKGSVSWTGKPVSYYLHTIDR
TILENYFSSLKNPG
;
_entity_poly.pdbx_strand_id   A,B
#
# COMPACT_ATOMS: atom_id res chain seq x y z
N LEU A 6 4.06 -25.59 22.51
CA LEU A 6 3.65 -26.58 21.53
C LEU A 6 2.93 -25.96 20.30
N GLU A 7 1.69 -25.42 20.47
CA GLU A 7 0.88 -24.80 19.41
C GLU A 7 -0.02 -23.66 19.91
N LEU A 8 -0.51 -22.83 18.98
CA LEU A 8 -1.40 -21.71 19.25
C LEU A 8 -2.68 -21.95 18.50
N ARG A 9 -3.83 -21.75 19.14
CA ARG A 9 -5.12 -21.97 18.47
C ARG A 9 -5.99 -20.71 18.52
N LEU A 10 -6.61 -20.39 17.37
CA LEU A 10 -7.56 -19.27 17.26
C LEU A 10 -8.91 -19.86 16.92
N LYS A 11 -9.91 -19.65 17.79
CA LYS A 11 -11.26 -20.14 17.55
C LYS A 11 -11.94 -19.27 16.50
N SER A 12 -12.70 -19.93 15.62
CA SER A 12 -13.43 -19.25 14.56
C SER A 12 -14.59 -18.39 15.12
N PRO A 13 -14.75 -17.14 14.65
CA PRO A 13 -15.88 -16.32 15.11
C PRO A 13 -17.26 -16.89 14.74
N VAL A 14 -17.31 -17.79 13.71
CA VAL A 14 -18.55 -18.42 13.22
C VAL A 14 -18.65 -19.91 13.57
N GLY A 15 -17.76 -20.41 14.39
CA GLY A 15 -17.80 -21.82 14.82
C GLY A 15 -17.22 -22.84 13.86
N ALA A 16 -16.40 -22.39 12.89
CA ALA A 16 -15.71 -23.29 11.99
C ALA A 16 -14.53 -23.96 12.77
N GLU A 17 -13.76 -24.87 12.11
CA GLU A 17 -12.61 -25.51 12.74
C GLU A 17 -11.59 -24.44 13.20
N PRO A 18 -10.99 -24.57 14.41
CA PRO A 18 -10.03 -23.54 14.85
C PRO A 18 -8.77 -23.49 13.99
N ALA A 19 -8.15 -22.30 13.87
CA ALA A 19 -6.88 -22.13 13.16
C ALA A 19 -5.80 -22.58 14.13
N VAL A 20 -4.96 -23.53 13.70
CA VAL A 20 -3.93 -24.12 14.56
C VAL A 20 -2.55 -23.81 13.99
N TYR A 21 -1.71 -23.15 14.79
CA TYR A 21 -0.37 -22.77 14.40
C TYR A 21 0.66 -23.52 15.23
N PRO A 22 1.70 -24.13 14.63
CA PRO A 22 2.72 -24.80 15.46
C PRO A 22 3.63 -23.77 16.10
N TRP A 23 4.23 -24.11 17.24
CA TRP A 23 5.23 -23.27 17.89
C TRP A 23 6.55 -24.06 17.87
N PRO A 24 7.71 -23.49 17.45
CA PRO A 24 7.95 -22.11 16.96
C PRO A 24 7.10 -21.77 15.75
N LEU A 25 6.67 -20.51 15.64
CA LEU A 25 5.82 -20.13 14.51
C LEU A 25 6.60 -20.11 13.22
N PRO A 26 5.98 -20.48 12.07
CA PRO A 26 6.70 -20.42 10.78
C PRO A 26 7.23 -19.03 10.44
N VAL A 27 8.40 -19.00 9.80
CA VAL A 27 9.04 -17.78 9.33
C VAL A 27 8.54 -17.57 7.94
N TYR A 28 8.10 -16.35 7.66
CA TYR A 28 7.59 -15.97 6.36
C TYR A 28 8.68 -15.17 5.67
N ASP A 29 8.33 -14.42 4.62
CA ASP A 29 9.24 -13.53 3.91
C ASP A 29 9.73 -12.43 4.84
N LYS A 30 10.82 -11.73 4.47
CA LYS A 30 11.50 -10.70 5.26
C LYS A 30 10.58 -9.74 6.04
N HIS A 31 9.40 -9.38 5.49
CA HIS A 31 8.53 -8.41 6.14
C HIS A 31 7.14 -8.94 6.59
N HIS A 32 7.12 -10.22 7.00
CA HIS A 32 5.94 -10.91 7.52
C HIS A 32 6.39 -12.00 8.52
N ASP A 33 5.63 -12.14 9.60
CA ASP A 33 5.77 -13.20 10.56
C ASP A 33 4.38 -13.63 11.01
N ALA A 34 4.23 -14.94 11.30
CA ALA A 34 2.99 -15.58 11.72
C ALA A 34 2.42 -14.97 12.99
N ALA A 35 3.28 -14.43 13.87
CA ALA A 35 2.84 -13.81 15.12
C ALA A 35 2.01 -12.54 14.88
N HIS A 36 2.40 -11.71 13.90
CA HIS A 36 1.68 -10.51 13.44
C HIS A 36 0.38 -10.91 12.74
N GLU A 37 0.42 -12.02 11.97
CA GLU A 37 -0.78 -12.53 11.30
C GLU A 37 -1.83 -12.88 12.36
N ILE A 38 -1.42 -13.52 13.47
CA ILE A 38 -2.31 -13.90 14.58
C ILE A 38 -2.97 -12.64 15.18
N ILE A 39 -2.16 -11.62 15.45
CA ILE A 39 -2.61 -10.36 16.05
C ILE A 39 -3.52 -9.58 15.13
N GLU A 40 -3.20 -9.53 13.85
CA GLU A 40 -4.02 -8.83 12.89
C GLU A 40 -5.32 -9.58 12.64
N THR A 41 -5.28 -10.94 12.65
CA THR A 41 -6.49 -11.76 12.53
C THR A 41 -7.47 -11.41 13.66
N ILE A 42 -6.97 -11.39 14.93
CA ILE A 42 -7.75 -11.05 16.13
C ILE A 42 -8.35 -9.66 15.97
N ARG A 43 -7.53 -8.71 15.56
CA ARG A 43 -7.94 -7.33 15.33
C ARG A 43 -9.05 -7.23 14.27
N TRP A 44 -8.93 -7.97 13.15
CA TRP A 44 -9.95 -7.99 12.09
C TRP A 44 -11.27 -8.57 12.57
N VAL A 45 -11.24 -9.69 13.29
CA VAL A 45 -12.42 -10.32 13.91
C VAL A 45 -13.09 -9.31 14.92
N CYS A 46 -12.29 -8.51 15.63
CA CYS A 46 -12.78 -7.48 16.55
C CYS A 46 -13.49 -6.33 15.81
N GLU A 47 -13.03 -6.00 14.60
CA GLU A 47 -13.70 -4.96 13.80
C GLU A 47 -15.02 -5.51 13.30
N GLU A 48 -15.00 -6.79 12.95
CA GLU A 48 -16.11 -7.61 12.47
C GLU A 48 -17.23 -7.76 13.51
N ILE A 49 -16.86 -8.01 14.78
CA ILE A 49 -17.81 -8.19 15.87
C ILE A 49 -17.56 -7.16 16.98
N PRO A 50 -18.32 -6.03 16.99
CA PRO A 50 -18.19 -5.03 18.06
C PRO A 50 -18.34 -5.56 19.51
N ASP A 51 -19.20 -6.59 19.73
CA ASP A 51 -19.40 -7.22 21.07
C ASP A 51 -18.09 -7.84 21.56
N LEU A 52 -17.32 -8.44 20.61
CA LEU A 52 -16.04 -9.08 20.85
C LEU A 52 -15.00 -8.12 21.40
N LYS A 53 -14.93 -6.89 20.84
CA LYS A 53 -14.04 -5.79 21.28
C LYS A 53 -14.42 -5.36 22.69
N LEU A 54 -15.74 -5.30 22.99
CA LEU A 54 -16.26 -4.93 24.33
C LEU A 54 -15.83 -5.95 25.38
N ALA A 55 -16.07 -7.24 25.11
CA ALA A 55 -15.76 -8.34 26.02
C ALA A 55 -14.27 -8.55 26.21
N MET A 56 -13.48 -8.54 25.12
CA MET A 56 -12.04 -8.75 25.20
C MET A 56 -11.32 -7.69 26.02
N GLU A 57 -10.37 -8.14 26.86
CA GLU A 57 -9.55 -7.33 27.75
C GLU A 57 -8.59 -6.48 26.91
N ASN A 58 -8.77 -5.15 26.97
CA ASN A 58 -8.09 -4.07 26.20
C ASN A 58 -6.58 -4.28 25.95
N TYR A 59 -5.79 -4.23 27.05
CA TYR A 59 -4.33 -4.33 27.11
C TYR A 59 -3.67 -5.44 26.29
N VAL A 60 -4.37 -6.60 26.14
CA VAL A 60 -3.95 -7.84 25.50
C VAL A 60 -3.39 -7.61 24.09
N LEU A 61 -4.00 -6.70 23.32
CA LEU A 61 -3.57 -6.42 21.97
C LEU A 61 -2.52 -5.27 21.88
N ILE A 62 -2.06 -4.74 23.04
CA ILE A 62 -1.01 -3.71 23.12
C ILE A 62 0.29 -4.36 23.65
N ASP A 63 0.21 -4.88 24.90
CA ASP A 63 1.26 -5.55 25.65
C ASP A 63 1.40 -7.04 25.27
N TYR A 64 2.31 -7.33 24.31
CA TYR A 64 2.60 -8.69 23.84
C TYR A 64 4.05 -8.85 23.42
N ASP A 65 4.55 -10.10 23.39
CA ASP A 65 5.89 -10.44 22.97
C ASP A 65 5.75 -11.57 21.94
N THR A 66 6.01 -11.24 20.66
CA THR A 66 5.90 -12.20 19.54
C THR A 66 6.89 -13.35 19.64
N LYS A 67 7.98 -13.14 20.41
CA LYS A 67 9.05 -14.11 20.62
C LYS A 67 8.85 -14.94 21.88
N SER A 68 7.70 -14.79 22.57
CA SER A 68 7.41 -15.53 23.80
C SER A 68 6.19 -16.41 23.62
N PHE A 69 6.35 -17.73 23.80
CA PHE A 69 5.24 -18.69 23.66
C PHE A 69 4.14 -18.36 24.65
N GLU A 70 4.51 -18.13 25.93
CA GLU A 70 3.59 -17.79 27.02
C GLU A 70 2.78 -16.54 26.73
N SER A 71 3.42 -15.51 26.16
CA SER A 71 2.77 -14.26 25.82
C SER A 71 1.79 -14.43 24.65
N MET A 72 2.20 -15.17 23.60
CA MET A 72 1.37 -15.45 22.44
C MET A 72 0.19 -16.37 22.81
N GLN A 73 0.41 -17.28 23.74
CA GLN A 73 -0.62 -18.18 24.24
C GLN A 73 -1.68 -17.44 25.07
N ARG A 74 -1.24 -16.43 25.84
CA ARG A 74 -2.08 -15.59 26.69
C ARG A 74 -3.00 -14.77 25.81
N LEU A 75 -2.43 -14.15 24.75
CA LEU A 75 -3.15 -13.37 23.75
C LEU A 75 -4.25 -14.22 23.09
N CYS A 76 -3.88 -15.42 22.61
CA CYS A 76 -4.79 -16.37 21.98
C CYS A 76 -5.88 -16.83 22.93
N ASP A 77 -5.51 -17.08 24.21
CA ASP A 77 -6.47 -17.49 25.21
C ASP A 77 -7.51 -16.40 25.51
N LYS A 78 -7.06 -15.13 25.58
CA LYS A 78 -7.93 -13.96 25.83
C LYS A 78 -8.93 -13.80 24.70
N TYR A 79 -8.47 -13.98 23.47
CA TYR A 79 -9.32 -13.90 22.30
C TYR A 79 -10.33 -15.06 22.32
N ASN A 80 -9.86 -16.29 22.52
CA ASN A 80 -10.70 -17.49 22.56
C ASN A 80 -11.80 -17.44 23.61
N ARG A 81 -11.48 -16.92 24.82
CA ARG A 81 -12.45 -16.76 25.91
C ARG A 81 -13.51 -15.71 25.53
N ALA A 82 -13.08 -14.65 24.85
CA ALA A 82 -13.95 -13.58 24.39
C ALA A 82 -14.93 -14.11 23.32
N ILE A 83 -14.45 -14.99 22.41
CA ILE A 83 -15.25 -15.65 21.37
C ILE A 83 -16.32 -16.50 22.04
N ASP A 84 -15.93 -17.29 23.07
CA ASP A 84 -16.82 -18.12 23.87
C ASP A 84 -17.92 -17.29 24.53
N SER A 85 -17.58 -16.12 25.13
CA SER A 85 -18.56 -15.23 25.80
C SER A 85 -19.58 -14.71 24.80
N ILE A 86 -19.12 -14.33 23.61
CA ILE A 86 -19.94 -13.82 22.51
C ILE A 86 -20.85 -14.95 21.98
N HIS A 87 -20.30 -16.17 21.80
CA HIS A 87 -21.06 -17.33 21.37
C HIS A 87 -22.17 -17.69 22.39
N GLN A 88 -21.94 -17.42 23.69
CA GLN A 88 -22.92 -17.63 24.76
C GLN A 88 -24.03 -16.59 24.67
N LEU A 89 -23.65 -15.34 24.38
CA LEU A 89 -24.55 -14.20 24.23
C LEU A 89 -25.51 -14.42 23.08
N TRP A 90 -25.01 -14.98 21.98
CA TRP A 90 -25.80 -15.28 20.79
C TRP A 90 -26.73 -16.49 20.98
N LYS A 91 -26.41 -17.44 21.91
CA LYS A 91 -27.26 -18.58 22.26
C LYS A 91 -28.55 -18.02 22.88
N GLY A 92 -28.39 -17.12 23.85
CA GLY A 92 -29.49 -16.43 24.54
C GLY A 92 -30.32 -15.49 23.70
N THR A 93 -29.98 -15.36 22.38
CA THR A 93 -30.59 -14.56 21.30
C THR A 93 -31.76 -13.68 21.71
N ASN A 100 -23.37 -14.98 6.24
CA ASN A 100 -22.20 -14.99 5.38
C ASN A 100 -22.25 -13.86 4.32
N THR A 101 -21.46 -12.79 4.57
CA THR A 101 -21.39 -11.62 3.67
C THR A 101 -20.04 -11.61 2.98
N ARG A 102 -19.87 -10.71 1.99
CA ARG A 102 -18.60 -10.56 1.31
C ARG A 102 -17.62 -9.88 2.29
N PRO A 103 -16.32 -10.21 2.20
CA PRO A 103 -15.37 -9.53 3.10
C PRO A 103 -15.18 -8.08 2.70
N SER A 104 -14.94 -7.18 3.70
CA SER A 104 -14.58 -5.79 3.41
C SER A 104 -13.26 -5.85 2.61
N THR A 105 -12.90 -4.76 1.93
CA THR A 105 -11.67 -4.70 1.14
C THR A 105 -10.42 -4.94 2.03
N GLY A 106 -10.38 -4.32 3.21
CA GLY A 106 -9.31 -4.47 4.19
C GLY A 106 -9.16 -5.90 4.70
N LEU A 107 -10.28 -6.56 5.04
CA LEU A 107 -10.22 -7.94 5.49
C LEU A 107 -9.72 -8.86 4.37
N LEU A 108 -10.21 -8.65 3.14
CA LEU A 108 -9.81 -9.41 1.98
C LEU A 108 -8.29 -9.33 1.71
N ARG A 109 -7.68 -8.13 1.83
CA ARG A 109 -6.23 -8.00 1.66
C ARG A 109 -5.50 -8.86 2.68
N HIS A 110 -5.96 -8.83 3.94
CA HIS A 110 -5.44 -9.65 5.05
C HIS A 110 -5.63 -11.15 4.73
N ILE A 111 -6.84 -11.56 4.28
CA ILE A 111 -7.12 -12.96 3.96
C ILE A 111 -6.19 -13.47 2.85
N LEU A 112 -6.02 -12.69 1.78
CA LEU A 112 -5.16 -13.06 0.64
C LEU A 112 -3.70 -13.20 1.06
N GLN A 113 -3.23 -12.29 1.91
CA GLN A 113 -1.89 -12.32 2.48
C GLN A 113 -1.67 -13.60 3.29
N GLN A 114 -2.63 -13.89 4.16
CA GLN A 114 -2.68 -15.06 5.05
C GLN A 114 -2.68 -16.37 4.23
N VAL A 115 -3.49 -16.40 3.18
CA VAL A 115 -3.57 -17.52 2.24
C VAL A 115 -2.21 -17.76 1.56
N TYR A 116 -1.58 -16.70 1.06
CA TYR A 116 -0.26 -16.79 0.43
C TYR A 116 0.82 -17.31 1.40
N ASN A 117 0.84 -16.83 2.65
CA ASN A 117 1.83 -17.18 3.66
C ASN A 117 1.79 -18.65 4.03
N HIS A 118 0.57 -19.20 4.15
CA HIS A 118 0.28 -20.60 4.47
C HIS A 118 0.48 -21.51 3.25
N SER A 119 0.54 -20.93 2.05
CA SER A 119 0.65 -21.71 0.82
C SER A 119 2.05 -21.72 0.24
N VAL A 120 2.70 -20.57 0.20
CA VAL A 120 4.02 -20.47 -0.40
C VAL A 120 5.04 -20.44 0.71
N THR A 121 5.38 -21.64 1.21
CA THR A 121 6.35 -21.88 2.27
C THR A 121 7.71 -21.93 1.60
N ASP A 122 8.73 -21.23 2.16
CA ASP A 122 10.08 -21.11 1.60
C ASP A 122 10.02 -20.69 0.10
N PRO A 123 9.75 -19.39 -0.21
CA PRO A 123 9.56 -18.98 -1.61
C PRO A 123 10.85 -18.88 -2.45
N GLU A 124 11.66 -19.96 -2.44
CA GLU A 124 12.86 -20.10 -3.28
C GLU A 124 12.33 -20.10 -4.73
N LYS A 125 11.25 -20.89 -4.98
CA LYS A 125 10.51 -20.98 -6.24
C LYS A 125 9.76 -19.64 -6.47
N LEU A 126 9.23 -19.40 -7.69
CA LEU A 126 8.54 -18.15 -8.09
C LEU A 126 9.53 -16.98 -8.13
N GLU A 130 11.52 -10.20 -9.35
CA GLU A 130 10.59 -9.33 -10.08
C GLU A 130 9.91 -8.27 -9.19
N PRO A 131 9.63 -7.05 -9.72
CA PRO A 131 8.97 -6.03 -8.88
C PRO A 131 7.47 -6.28 -8.65
N PHE A 132 6.81 -7.10 -9.53
CA PHE A 132 5.40 -7.43 -9.39
C PHE A 132 5.14 -8.94 -9.09
N SER A 133 5.98 -9.52 -8.22
CA SER A 133 5.94 -10.91 -7.80
C SER A 133 4.75 -11.25 -6.86
N PRO A 134 4.30 -12.54 -6.79
CA PRO A 134 3.21 -12.91 -5.89
C PRO A 134 3.40 -12.47 -4.44
N GLU A 135 4.66 -12.45 -3.96
CA GLU A 135 5.08 -12.05 -2.61
C GLU A 135 4.60 -10.62 -2.27
N VAL A 136 4.47 -9.74 -3.30
CA VAL A 136 4.10 -8.33 -3.09
C VAL A 136 2.75 -7.96 -3.66
N TYR A 137 1.88 -8.95 -3.84
CA TYR A 137 0.55 -8.76 -4.40
C TYR A 137 -0.24 -7.72 -3.66
N GLY A 138 -0.22 -7.80 -2.34
CA GLY A 138 -0.96 -6.91 -1.46
C GLY A 138 -0.52 -5.47 -1.55
N GLU A 139 0.74 -5.19 -1.97
CA GLU A 139 1.35 -3.86 -2.01
C GLU A 139 0.92 -2.94 -3.20
N THR A 140 0.71 -3.44 -4.43
CA THR A 140 0.22 -2.53 -5.50
C THR A 140 -0.91 -3.19 -6.31
N SER A 141 -0.75 -4.50 -6.64
CA SER A 141 -1.73 -5.21 -7.44
C SER A 141 -3.11 -5.32 -6.80
N PHE A 142 -3.18 -5.49 -5.47
CA PHE A 142 -4.46 -5.65 -4.78
C PHE A 142 -5.37 -4.44 -4.98
N ASP A 143 -4.85 -3.24 -4.70
CA ASP A 143 -5.57 -1.99 -4.82
C ASP A 143 -5.97 -1.70 -6.26
N LEU A 144 -5.13 -2.10 -7.20
CA LEU A 144 -5.37 -1.94 -8.61
C LEU A 144 -6.46 -2.86 -9.08
N VAL A 145 -6.43 -4.14 -8.65
CA VAL A 145 -7.46 -5.13 -8.98
C VAL A 145 -8.81 -4.67 -8.36
N ALA A 146 -8.77 -4.07 -7.16
CA ALA A 146 -9.97 -3.55 -6.50
C ALA A 146 -10.63 -2.44 -7.36
N GLN A 147 -9.80 -1.61 -8.05
CA GLN A 147 -10.25 -0.55 -8.99
C GLN A 147 -10.84 -1.14 -10.25
N MET A 148 -10.24 -2.23 -10.77
CA MET A 148 -10.71 -2.93 -11.96
C MET A 148 -12.06 -3.54 -11.68
N ILE A 149 -12.25 -4.11 -10.46
CA ILE A 149 -13.50 -4.73 -10.03
C ILE A 149 -14.61 -3.67 -10.01
N ASP A 150 -14.34 -2.48 -9.43
CA ASP A 150 -15.28 -1.36 -9.34
C ASP A 150 -15.61 -0.75 -10.69
N GLU A 151 -14.68 -0.77 -11.64
CA GLU A 151 -14.92 -0.22 -12.96
C GLU A 151 -15.77 -1.15 -13.83
N ILE A 152 -15.50 -2.46 -13.77
CA ILE A 152 -16.14 -3.48 -14.61
C ILE A 152 -17.61 -3.79 -14.18
N LYS A 153 -17.90 -3.81 -12.90
CA LYS A 153 -19.27 -4.07 -12.42
C LYS A 153 -19.87 -5.38 -13.00
N MET A 154 -19.21 -6.50 -12.72
CA MET A 154 -19.67 -7.80 -13.18
C MET A 154 -20.97 -8.23 -12.48
N THR A 155 -21.81 -8.96 -13.19
CA THR A 155 -23.08 -9.45 -12.66
C THR A 155 -23.07 -10.97 -12.70
N ASP A 156 -24.17 -11.60 -12.25
CA ASP A 156 -24.39 -13.06 -12.23
C ASP A 156 -24.41 -13.68 -13.62
N ASP A 157 -24.59 -12.87 -14.68
CA ASP A 157 -24.58 -13.33 -16.07
C ASP A 157 -23.16 -13.46 -16.60
N ASP A 158 -22.18 -12.91 -15.89
CA ASP A 158 -20.79 -12.90 -16.33
C ASP A 158 -20.03 -14.15 -16.00
N LEU A 159 -19.09 -14.47 -16.91
CA LEU A 159 -18.11 -15.52 -16.75
C LEU A 159 -16.80 -14.80 -16.82
N PHE A 160 -15.97 -14.98 -15.79
CA PHE A 160 -14.66 -14.32 -15.63
C PHE A 160 -13.52 -15.33 -15.78
N VAL A 161 -12.46 -14.92 -16.49
CA VAL A 161 -11.24 -15.73 -16.67
C VAL A 161 -9.98 -14.85 -16.51
N ASP A 162 -9.02 -15.32 -15.71
CA ASP A 162 -7.71 -14.65 -15.61
C ASP A 162 -6.74 -15.57 -16.36
N LEU A 163 -6.25 -15.12 -17.53
CA LEU A 163 -5.38 -15.90 -18.44
C LEU A 163 -3.94 -15.79 -17.98
N GLY A 164 -3.43 -16.85 -17.38
CA GLY A 164 -2.09 -16.86 -16.79
C GLY A 164 -2.25 -16.41 -15.36
N SER A 165 -3.05 -17.17 -14.60
CA SER A 165 -3.47 -16.87 -13.25
C SER A 165 -2.41 -17.02 -12.16
N GLY A 166 -1.25 -17.57 -12.51
CA GLY A 166 -0.18 -17.77 -11.55
C GLY A 166 -0.60 -18.60 -10.36
N VAL A 167 -0.39 -18.06 -9.12
CA VAL A 167 -0.77 -18.77 -7.89
C VAL A 167 -2.27 -18.54 -7.58
N GLY A 168 -2.95 -17.75 -8.42
CA GLY A 168 -4.39 -17.54 -8.35
C GLY A 168 -4.92 -16.34 -7.61
N GLN A 169 -4.04 -15.40 -7.19
CA GLN A 169 -4.36 -14.21 -6.40
C GLN A 169 -5.50 -13.32 -6.98
N VAL A 170 -5.47 -13.03 -8.28
CA VAL A 170 -6.49 -12.20 -8.91
C VAL A 170 -7.84 -12.93 -8.91
N VAL A 171 -7.86 -14.23 -9.25
CA VAL A 171 -9.11 -15.04 -9.25
C VAL A 171 -9.77 -15.02 -7.88
N LEU A 172 -8.98 -15.25 -6.82
CA LEU A 172 -9.45 -15.26 -5.44
C LEU A 172 -10.04 -13.91 -5.02
N GLN A 173 -9.37 -12.81 -5.42
CA GLN A 173 -9.83 -11.46 -5.12
C GLN A 173 -11.14 -11.14 -5.84
N VAL A 174 -11.21 -11.38 -7.16
CA VAL A 174 -12.41 -11.16 -7.94
C VAL A 174 -13.57 -12.06 -7.41
N ALA A 175 -13.31 -13.37 -7.16
CA ALA A 175 -14.35 -14.26 -6.60
C ALA A 175 -14.89 -13.79 -5.23
N ALA A 176 -14.02 -13.22 -4.38
CA ALA A 176 -14.46 -12.72 -3.07
C ALA A 176 -15.24 -11.41 -3.20
N ALA A 177 -15.07 -10.68 -4.32
CA ALA A 177 -15.69 -9.38 -4.55
C ALA A 177 -16.90 -9.37 -5.46
N THR A 178 -17.02 -10.30 -6.42
CA THR A 178 -18.12 -10.25 -7.39
C THR A 178 -19.09 -11.42 -7.33
N ASN A 179 -20.18 -11.31 -8.12
CA ASN A 179 -21.17 -12.37 -8.21
C ASN A 179 -21.22 -13.02 -9.60
N CYS A 180 -20.06 -13.12 -10.36
CA CYS A 180 -20.01 -13.84 -11.66
C CYS A 180 -20.49 -15.26 -11.39
N LYS A 181 -21.13 -15.92 -12.39
CA LYS A 181 -21.54 -17.31 -12.18
C LYS A 181 -20.31 -18.18 -11.90
N HIS A 182 -19.17 -17.85 -12.55
CA HIS A 182 -17.92 -18.57 -12.32
C HIS A 182 -16.71 -17.73 -12.62
N HIS A 183 -15.61 -18.00 -11.90
CA HIS A 183 -14.30 -17.34 -12.03
C HIS A 183 -13.29 -18.40 -12.31
N TYR A 184 -12.52 -18.22 -13.38
CA TYR A 184 -11.54 -19.22 -13.75
C TYR A 184 -10.18 -18.60 -13.76
N GLY A 185 -9.24 -19.40 -13.37
CA GLY A 185 -7.83 -19.09 -13.45
C GLY A 185 -7.18 -20.23 -14.21
N VAL A 186 -6.52 -19.92 -15.33
CA VAL A 186 -5.78 -20.91 -16.12
C VAL A 186 -4.28 -20.56 -16.09
N GLU A 187 -3.45 -21.51 -15.66
CA GLU A 187 -2.00 -21.35 -15.56
C GLU A 187 -1.24 -22.54 -16.22
N LYS A 188 -0.30 -22.24 -17.12
CA LYS A 188 0.49 -23.24 -17.85
C LYS A 188 1.68 -23.74 -17.03
N ALA A 189 2.43 -22.81 -16.37
CA ALA A 189 3.62 -23.15 -15.59
C ALA A 189 3.35 -24.08 -14.40
N ASP A 190 4.21 -25.10 -14.21
CA ASP A 190 4.08 -26.14 -13.19
C ASP A 190 4.11 -25.63 -11.75
N ILE A 191 5.17 -24.90 -11.36
CA ILE A 191 5.37 -24.37 -10.01
C ILE A 191 4.19 -23.47 -9.58
N PRO A 192 3.79 -22.42 -10.36
CA PRO A 192 2.64 -21.60 -9.95
C PRO A 192 1.34 -22.40 -9.84
N ALA A 193 1.05 -23.27 -10.84
CA ALA A 193 -0.17 -24.10 -10.86
C ALA A 193 -0.24 -25.03 -9.65
N LYS A 194 0.90 -25.62 -9.24
CA LYS A 194 0.99 -26.50 -8.08
C LYS A 194 0.68 -25.67 -6.82
N TYR A 195 1.30 -24.47 -6.70
CA TYR A 195 1.06 -23.55 -5.60
C TYR A 195 -0.41 -23.08 -5.53
N ALA A 196 -1.06 -22.89 -6.70
CA ALA A 196 -2.47 -22.49 -6.82
C ALA A 196 -3.42 -23.50 -6.14
N GLU A 197 -3.06 -24.80 -6.15
CA GLU A 197 -3.82 -25.88 -5.49
C GLU A 197 -3.89 -25.68 -3.99
N THR A 198 -2.77 -25.26 -3.37
CA THR A 198 -2.72 -24.97 -1.94
C THR A 198 -3.49 -23.66 -1.66
N MET A 199 -3.24 -22.59 -2.48
CA MET A 199 -3.90 -21.28 -2.38
C MET A 199 -5.43 -21.46 -2.37
N ASP A 200 -5.94 -22.29 -3.30
CA ASP A 200 -7.35 -22.66 -3.39
C ASP A 200 -7.86 -23.26 -2.05
N ARG A 201 -7.19 -24.31 -1.53
CA ARG A 201 -7.56 -24.98 -0.28
C ARG A 201 -7.54 -24.01 0.90
N GLU A 202 -6.45 -23.24 1.04
CA GLU A 202 -6.27 -22.26 2.10
C GLU A 202 -7.30 -21.13 2.03
N PHE A 203 -7.66 -20.68 0.81
CA PHE A 203 -8.65 -19.61 0.63
C PHE A 203 -10.02 -20.07 1.11
N ARG A 204 -10.45 -21.27 0.66
CA ARG A 204 -11.73 -21.84 1.05
C ARG A 204 -11.81 -22.03 2.55
N LYS A 205 -10.71 -22.54 3.16
CA LYS A 205 -10.62 -22.77 4.61
C LYS A 205 -10.73 -21.47 5.40
N TRP A 206 -9.87 -20.47 5.08
CA TRP A 206 -9.86 -19.17 5.77
C TRP A 206 -11.17 -18.41 5.61
N MET A 207 -11.74 -18.40 4.39
CA MET A 207 -13.03 -17.75 4.16
C MET A 207 -14.13 -18.36 5.06
N LYS A 208 -14.11 -19.69 5.24
CA LYS A 208 -15.03 -20.38 6.15
C LYS A 208 -14.76 -19.98 7.60
N TRP A 209 -13.47 -19.85 7.96
CA TRP A 209 -13.07 -19.49 9.33
C TRP A 209 -13.65 -18.12 9.74
N TYR A 210 -13.55 -17.12 8.84
CA TYR A 210 -14.09 -15.77 9.06
C TYR A 210 -15.61 -15.69 8.85
N GLY A 211 -16.17 -16.71 8.16
CA GLY A 211 -17.59 -16.76 7.83
C GLY A 211 -17.92 -15.84 6.67
N LYS A 212 -17.01 -15.79 5.68
CA LYS A 212 -17.12 -14.92 4.51
C LYS A 212 -17.50 -15.65 3.26
N LYS A 213 -18.33 -15.02 2.46
CA LYS A 213 -18.84 -15.54 1.18
C LYS A 213 -17.90 -15.18 0.04
N HIS A 214 -17.85 -16.05 -0.96
CA HIS A 214 -17.15 -15.86 -2.22
C HIS A 214 -17.95 -16.59 -3.29
N ALA A 215 -17.79 -16.15 -4.53
CA ALA A 215 -18.44 -16.73 -5.69
C ALA A 215 -17.73 -18.06 -6.01
N GLU A 216 -18.28 -18.83 -6.95
CA GLU A 216 -17.63 -20.06 -7.34
C GLU A 216 -16.43 -19.74 -8.23
N TYR A 217 -15.36 -20.51 -8.05
CA TYR A 217 -14.16 -20.33 -8.83
C TYR A 217 -13.42 -21.62 -8.99
N THR A 218 -12.61 -21.74 -10.06
CA THR A 218 -11.77 -22.88 -10.35
C THR A 218 -10.39 -22.38 -10.79
N LEU A 219 -9.34 -22.95 -10.20
CA LEU A 219 -7.95 -22.70 -10.58
C LEU A 219 -7.52 -23.97 -11.29
N GLU A 220 -7.21 -23.86 -12.59
CA GLU A 220 -6.85 -24.97 -13.46
C GLU A 220 -5.44 -24.84 -13.98
N ARG A 221 -4.85 -25.98 -14.33
CA ARG A 221 -3.57 -26.05 -15.02
C ARG A 221 -3.95 -26.21 -16.50
N GLY A 222 -3.30 -25.45 -17.37
CA GLY A 222 -3.58 -25.55 -18.80
C GLY A 222 -2.94 -24.47 -19.64
N ASP A 223 -3.00 -24.63 -20.96
CA ASP A 223 -2.48 -23.68 -21.94
C ASP A 223 -3.69 -22.95 -22.52
N PHE A 224 -3.80 -21.62 -22.26
CA PHE A 224 -4.94 -20.84 -22.75
C PHE A 224 -4.93 -20.67 -24.29
N LEU A 225 -3.85 -21.14 -24.96
CA LEU A 225 -3.76 -21.10 -26.41
C LEU A 225 -4.16 -22.44 -27.05
N SER A 226 -4.56 -23.43 -26.26
CA SER A 226 -4.96 -24.75 -26.74
C SER A 226 -6.34 -24.72 -27.44
N GLU A 227 -6.69 -25.79 -28.18
CA GLU A 227 -7.98 -25.94 -28.86
C GLU A 227 -9.18 -25.85 -27.91
N GLU A 228 -9.07 -26.56 -26.77
CA GLU A 228 -10.07 -26.59 -25.69
C GLU A 228 -10.37 -25.13 -25.25
N TRP A 229 -9.33 -24.32 -25.07
CA TRP A 229 -9.46 -22.95 -24.61
C TRP A 229 -9.96 -21.95 -25.68
N ARG A 230 -10.00 -22.33 -26.97
CA ARG A 230 -10.51 -21.47 -28.06
C ARG A 230 -11.98 -21.12 -27.84
N GLU A 231 -12.82 -22.16 -27.61
CA GLU A 231 -14.26 -22.02 -27.36
C GLU A 231 -14.52 -21.40 -26.00
N ARG A 232 -13.69 -21.73 -25.01
CA ARG A 232 -13.77 -21.18 -23.66
C ARG A 232 -13.56 -19.67 -23.65
N ILE A 233 -12.60 -19.16 -24.43
CA ILE A 233 -12.33 -17.71 -24.52
C ILE A 233 -13.51 -17.03 -25.23
N ALA A 234 -14.02 -17.66 -26.32
CA ALA A 234 -15.16 -17.18 -27.10
C ALA A 234 -16.40 -17.01 -26.25
N ASN A 235 -16.57 -17.84 -25.21
CA ASN A 235 -17.74 -17.81 -24.33
C ASN A 235 -17.53 -17.10 -23.00
N THR A 236 -16.37 -16.46 -22.82
CA THR A 236 -16.07 -15.68 -21.61
C THR A 236 -16.53 -14.22 -21.84
N SER A 237 -17.23 -13.64 -20.87
CA SER A 237 -17.69 -12.26 -21.00
C SER A 237 -16.68 -11.24 -20.46
N VAL A 238 -15.84 -11.66 -19.49
CA VAL A 238 -14.83 -10.79 -18.89
C VAL A 238 -13.51 -11.55 -18.80
N ILE A 239 -12.51 -11.13 -19.58
CA ILE A 239 -11.17 -11.70 -19.54
C ILE A 239 -10.23 -10.67 -18.91
N PHE A 240 -9.41 -11.12 -17.97
CA PHE A 240 -8.33 -10.34 -17.38
C PHE A 240 -7.05 -11.02 -17.87
N VAL A 241 -6.11 -10.25 -18.41
CA VAL A 241 -4.88 -10.85 -18.88
C VAL A 241 -3.69 -9.91 -18.63
N ASN A 242 -2.70 -10.38 -17.86
CA ASN A 242 -1.48 -9.59 -17.64
C ASN A 242 -0.55 -9.94 -18.81
N ASN A 243 -0.73 -9.24 -19.93
CA ASN A 243 -0.03 -9.48 -21.19
C ASN A 243 1.26 -8.69 -21.30
N PHE A 244 1.66 -8.03 -20.23
CA PHE A 244 2.84 -7.19 -20.18
C PHE A 244 4.10 -7.81 -20.80
N ALA A 245 4.40 -9.10 -20.46
CA ALA A 245 5.59 -9.81 -20.93
C ALA A 245 5.37 -10.72 -22.15
N PHE A 246 4.19 -10.72 -22.76
CA PHE A 246 3.86 -11.58 -23.89
C PHE A 246 4.65 -11.28 -25.15
N GLY A 247 5.17 -12.34 -25.77
CA GLY A 247 5.87 -12.26 -27.05
C GLY A 247 4.92 -11.93 -28.20
N PRO A 248 5.43 -11.64 -29.42
CA PRO A 248 4.51 -11.30 -30.51
C PRO A 248 3.60 -12.44 -30.95
N GLU A 249 4.07 -13.70 -30.84
CA GLU A 249 3.31 -14.89 -31.22
C GLU A 249 2.19 -15.19 -30.22
N VAL A 250 2.43 -14.99 -28.90
CA VAL A 250 1.39 -15.19 -27.90
C VAL A 250 0.35 -14.10 -28.14
N ASP A 251 0.80 -12.84 -28.28
CA ASP A 251 -0.07 -11.70 -28.54
C ASP A 251 -0.92 -11.91 -29.81
N HIS A 252 -0.30 -12.37 -30.92
CA HIS A 252 -0.98 -12.64 -32.18
C HIS A 252 -2.04 -13.73 -32.02
N GLN A 253 -1.69 -14.85 -31.35
CA GLN A 253 -2.60 -15.97 -31.09
C GLN A 253 -3.76 -15.53 -30.20
N LEU A 254 -3.48 -14.70 -29.19
CA LEU A 254 -4.47 -14.18 -28.26
C LEU A 254 -5.48 -13.30 -28.98
N LYS A 255 -5.02 -12.40 -29.87
CA LYS A 255 -5.90 -11.55 -30.68
C LYS A 255 -6.85 -12.40 -31.53
N GLU A 256 -6.38 -13.55 -32.02
CA GLU A 256 -7.13 -14.52 -32.82
C GLU A 256 -8.25 -15.16 -31.95
N ARG A 257 -7.93 -15.48 -30.68
CA ARG A 257 -8.88 -16.04 -29.69
C ARG A 257 -9.95 -15.00 -29.38
N PHE A 258 -9.54 -13.74 -29.14
CA PHE A 258 -10.42 -12.63 -28.85
C PHE A 258 -11.39 -12.33 -29.98
N ALA A 259 -10.96 -12.53 -31.23
CA ALA A 259 -11.77 -12.31 -32.44
C ALA A 259 -13.02 -13.19 -32.47
N ASN A 260 -13.06 -14.27 -31.67
CA ASN A 260 -14.24 -15.14 -31.56
C ASN A 260 -15.18 -14.73 -30.41
N MET A 261 -14.86 -13.65 -29.66
CA MET A 261 -15.71 -13.27 -28.53
C MET A 261 -17.03 -12.63 -28.97
N LYS A 262 -18.03 -12.64 -28.07
CA LYS A 262 -19.37 -12.08 -28.30
C LYS A 262 -19.35 -10.57 -28.13
N GLU A 263 -20.31 -9.84 -28.74
CA GLU A 263 -20.42 -8.38 -28.58
C GLU A 263 -20.51 -8.05 -27.09
N GLY A 264 -19.83 -6.99 -26.68
CA GLY A 264 -19.85 -6.55 -25.29
C GLY A 264 -18.91 -7.32 -24.40
N GLY A 265 -18.22 -8.32 -24.95
CA GLY A 265 -17.19 -9.08 -24.29
C GLY A 265 -16.09 -8.11 -23.93
N ARG A 266 -15.51 -8.25 -22.75
CA ARG A 266 -14.51 -7.31 -22.24
C ARG A 266 -13.22 -7.97 -21.89
N ILE A 267 -12.12 -7.26 -22.17
CA ILE A 267 -10.74 -7.67 -21.90
C ILE A 267 -10.02 -6.56 -21.13
N VAL A 268 -9.56 -6.88 -19.94
CA VAL A 268 -8.80 -5.98 -19.09
C VAL A 268 -7.36 -6.48 -19.09
N SER A 269 -6.44 -5.64 -19.57
CA SER A 269 -5.04 -6.02 -19.71
C SER A 269 -4.05 -4.95 -19.23
N SER A 270 -2.77 -5.32 -19.14
CA SER A 270 -1.70 -4.42 -18.71
C SER A 270 -1.11 -3.59 -19.87
N LYS A 271 -1.20 -4.09 -21.12
CA LYS A 271 -0.78 -3.35 -22.33
C LYS A 271 -1.98 -3.44 -23.30
N PRO A 272 -2.36 -2.35 -24.03
CA PRO A 272 -3.47 -2.47 -24.98
C PRO A 272 -3.20 -3.46 -26.11
N PHE A 273 -4.24 -4.18 -26.57
CA PHE A 273 -4.13 -5.12 -27.70
C PHE A 273 -4.33 -4.41 -29.03
N ALA A 274 -4.90 -3.20 -29.01
CA ALA A 274 -5.09 -2.38 -30.21
C ALA A 274 -4.72 -0.94 -29.83
N PRO A 275 -4.30 -0.09 -30.79
CA PRO A 275 -4.00 1.31 -30.42
C PRO A 275 -5.24 2.02 -29.91
N LEU A 276 -5.03 2.93 -28.98
CA LEU A 276 -6.06 3.74 -28.35
C LEU A 276 -6.74 4.69 -29.33
N ASN A 277 -6.00 5.05 -30.41
CA ASN A 277 -6.39 5.95 -31.47
C ASN A 277 -6.55 5.19 -32.82
N PHE A 278 -6.99 3.92 -32.78
CA PHE A 278 -7.18 3.14 -33.99
C PHE A 278 -8.20 3.81 -34.91
N ARG A 279 -7.81 3.98 -36.16
CA ARG A 279 -8.67 4.57 -37.19
C ARG A 279 -8.71 3.57 -38.33
N ILE A 280 -9.87 2.90 -38.44
CA ILE A 280 -10.13 1.92 -39.49
C ILE A 280 -9.98 2.54 -40.87
N ASN A 281 -9.25 1.87 -41.73
CA ASN A 281 -9.04 2.24 -43.13
C ASN A 281 -8.91 0.99 -43.98
N SER A 282 -8.72 1.16 -45.28
CA SER A 282 -8.61 0.06 -46.22
C SER A 282 -7.35 -0.81 -45.98
N ARG A 283 -6.34 -0.28 -45.30
CA ARG A 283 -5.10 -1.03 -45.11
C ARG A 283 -4.98 -1.78 -43.77
N ASN A 284 -5.96 -1.65 -42.86
CA ASN A 284 -5.89 -2.28 -41.54
C ASN A 284 -7.13 -3.09 -41.16
N LEU A 285 -7.90 -3.56 -42.16
CA LEU A 285 -9.13 -4.32 -41.91
C LEU A 285 -8.94 -5.67 -41.18
N SER A 286 -7.71 -6.17 -41.14
CA SER A 286 -7.40 -7.44 -40.49
C SER A 286 -6.96 -7.28 -39.02
N ASP A 287 -6.77 -6.04 -38.58
CA ASP A 287 -6.35 -5.71 -37.22
C ASP A 287 -7.50 -5.83 -36.22
N ILE A 288 -7.16 -6.27 -34.97
CA ILE A 288 -8.14 -6.47 -33.89
C ILE A 288 -8.90 -5.18 -33.57
N GLY A 289 -8.28 -4.01 -33.86
CA GLY A 289 -8.88 -2.69 -33.66
C GLY A 289 -10.18 -2.45 -34.41
N THR A 290 -10.44 -3.26 -35.43
CA THR A 290 -11.65 -3.16 -36.23
C THR A 290 -12.86 -3.72 -35.49
N ILE A 291 -12.65 -4.49 -34.43
CA ILE A 291 -13.77 -5.13 -33.74
C ILE A 291 -13.75 -4.88 -32.25
N MET A 292 -12.94 -3.94 -31.77
CA MET A 292 -12.93 -3.65 -30.35
C MET A 292 -12.63 -2.21 -30.01
N ARG A 293 -13.35 -1.67 -29.03
CA ARG A 293 -13.09 -0.35 -28.44
C ARG A 293 -11.97 -0.56 -27.41
N VAL A 294 -11.10 0.43 -27.22
CA VAL A 294 -10.00 0.36 -26.26
C VAL A 294 -9.96 1.64 -25.47
N VAL A 295 -9.92 1.55 -24.14
CA VAL A 295 -9.80 2.72 -23.29
C VAL A 295 -8.70 2.49 -22.23
N GLU A 296 -7.91 3.53 -21.97
CA GLU A 296 -6.88 3.50 -20.95
C GLU A 296 -7.55 4.04 -19.73
N LEU A 297 -7.53 3.25 -18.67
CA LEU A 297 -8.10 3.58 -17.38
C LEU A 297 -6.98 3.73 -16.39
N SER A 298 -7.06 4.73 -15.56
CA SER A 298 -6.02 4.97 -14.58
C SER A 298 -6.62 5.31 -13.24
N PRO A 299 -6.26 4.59 -12.16
CA PRO A 299 -6.76 4.98 -10.82
C PRO A 299 -6.45 6.44 -10.40
N LEU A 300 -5.39 7.06 -10.97
CA LEU A 300 -5.04 8.46 -10.72
C LEU A 300 -6.07 9.49 -11.25
N LYS A 301 -6.79 9.17 -12.35
CA LYS A 301 -7.82 10.04 -12.92
C LYS A 301 -9.25 9.59 -12.52
N SER A 305 -9.43 9.29 -4.92
CA SER A 305 -8.32 9.60 -4.00
C SER A 305 -7.21 8.49 -3.91
N TRP A 306 -6.56 8.20 -5.08
CA TRP A 306 -5.47 7.21 -5.27
C TRP A 306 -4.12 7.81 -4.87
N THR A 307 -3.37 7.07 -4.05
CA THR A 307 -2.05 7.50 -3.59
C THR A 307 -0.97 6.44 -3.88
N GLY A 308 -1.31 5.39 -4.64
CA GLY A 308 -0.36 4.34 -5.03
C GLY A 308 0.42 4.70 -6.30
N LYS A 309 1.05 3.69 -6.96
CA LYS A 309 1.84 3.86 -8.21
C LYS A 309 0.99 4.41 -9.38
N PRO A 310 1.57 5.28 -10.24
CA PRO A 310 0.81 5.77 -11.41
C PRO A 310 0.72 4.67 -12.48
N VAL A 311 -0.16 3.73 -12.26
CA VAL A 311 -0.31 2.57 -13.14
C VAL A 311 -1.66 2.60 -13.90
N SER A 312 -1.65 2.17 -15.16
CA SER A 312 -2.83 2.14 -16.01
C SER A 312 -3.25 0.71 -16.34
N TYR A 313 -4.51 0.57 -16.68
CA TYR A 313 -5.04 -0.70 -17.19
C TYR A 313 -5.86 -0.37 -18.41
N TYR A 314 -6.03 -1.37 -19.30
CA TYR A 314 -6.69 -1.18 -20.59
C TYR A 314 -7.93 -2.03 -20.70
N LEU A 315 -9.05 -1.37 -20.95
CA LEU A 315 -10.34 -2.01 -21.13
C LEU A 315 -10.73 -2.05 -22.62
N HIS A 316 -10.82 -3.28 -23.17
CA HIS A 316 -11.20 -3.57 -24.56
C HIS A 316 -12.61 -4.12 -24.54
N THR A 317 -13.47 -3.63 -25.43
CA THR A 317 -14.84 -4.09 -25.53
C THR A 317 -15.09 -4.51 -26.95
N ILE A 318 -15.58 -5.76 -27.14
CA ILE A 318 -15.91 -6.28 -28.47
C ILE A 318 -17.08 -5.48 -29.02
N ASP A 319 -16.86 -4.89 -30.19
CA ASP A 319 -17.84 -4.06 -30.85
C ASP A 319 -17.64 -4.12 -32.37
N ARG A 320 -18.34 -5.04 -33.02
CA ARG A 320 -18.25 -5.24 -34.47
C ARG A 320 -18.90 -4.14 -35.26
N THR A 321 -19.61 -3.20 -34.60
CA THR A 321 -20.20 -2.02 -35.28
C THR A 321 -19.10 -1.09 -35.82
N ILE A 322 -17.88 -1.18 -35.29
CA ILE A 322 -16.74 -0.40 -35.78
C ILE A 322 -16.52 -0.82 -37.23
N LEU A 323 -16.50 -2.14 -37.47
CA LEU A 323 -16.34 -2.75 -38.77
C LEU A 323 -17.58 -2.55 -39.65
N GLU A 324 -18.76 -2.75 -39.08
CA GLU A 324 -20.02 -2.56 -39.80
C GLU A 324 -20.18 -1.10 -40.32
N ASN A 325 -19.79 -0.09 -39.54
CA ASN A 325 -19.90 1.33 -39.93
C ASN A 325 -18.95 1.67 -41.04
N TYR A 326 -17.77 1.08 -41.04
CA TYR A 326 -16.79 1.31 -42.09
C TYR A 326 -17.36 0.82 -43.42
N PHE A 327 -17.98 -0.36 -43.46
CA PHE A 327 -18.57 -0.93 -44.69
C PHE A 327 -19.79 -0.12 -45.15
N SER A 328 -20.62 0.35 -44.19
CA SER A 328 -21.81 1.18 -44.39
C SER A 328 -21.42 2.49 -44.98
N SER A 329 -20.31 3.08 -44.49
CA SER A 329 -19.76 4.34 -44.97
C SER A 329 -19.20 4.21 -46.37
N LEU A 330 -18.70 3.01 -46.72
CA LEU A 330 -18.21 2.73 -48.06
C LEU A 330 -19.37 2.67 -49.06
N LYS A 331 -20.48 2.01 -48.66
CA LYS A 331 -21.68 1.81 -49.49
C LYS A 331 -22.59 3.05 -49.55
N ASN A 332 -22.72 3.76 -48.44
CA ASN A 332 -23.55 4.95 -48.27
C ASN A 332 -22.65 6.14 -47.82
N PRO A 333 -21.87 6.75 -48.77
CA PRO A 333 -20.98 7.87 -48.37
C PRO A 333 -21.72 9.14 -47.93
N LYS B 5 28.21 8.98 -21.05
CA LYS B 5 27.92 8.10 -22.19
C LYS B 5 26.83 7.07 -21.81
N LEU B 6 27.22 6.10 -20.96
CA LEU B 6 26.34 5.04 -20.49
C LEU B 6 25.50 5.54 -19.35
N GLU B 7 24.46 6.34 -19.70
CA GLU B 7 23.59 6.93 -18.68
C GLU B 7 22.24 7.38 -19.22
N LEU B 8 21.29 7.59 -18.30
CA LEU B 8 19.93 8.06 -18.59
C LEU B 8 19.73 9.35 -17.84
N ARG B 9 19.19 10.35 -18.51
CA ARG B 9 18.98 11.65 -17.85
C ARG B 9 17.54 12.08 -17.93
N LEU B 10 17.01 12.58 -16.80
CA LEU B 10 15.67 13.14 -16.73
C LEU B 10 15.79 14.60 -16.40
N LYS B 11 15.30 15.47 -17.30
CA LYS B 11 15.33 16.91 -17.08
C LYS B 11 14.29 17.29 -16.04
N SER B 12 14.63 18.22 -15.17
CA SER B 12 13.73 18.73 -14.16
C SER B 12 12.58 19.55 -14.78
N PRO B 13 11.32 19.31 -14.37
CA PRO B 13 10.20 20.13 -14.90
C PRO B 13 10.32 21.62 -14.56
N VAL B 14 11.09 21.97 -13.53
CA VAL B 14 11.27 23.35 -13.05
C VAL B 14 12.68 23.92 -13.31
N GLY B 15 13.47 23.23 -14.11
CA GLY B 15 14.79 23.71 -14.48
C GLY B 15 15.90 23.48 -13.48
N ALA B 16 15.70 22.58 -12.50
CA ALA B 16 16.74 22.22 -11.54
C ALA B 16 17.77 21.31 -12.29
N GLU B 17 18.90 20.93 -11.64
CA GLU B 17 19.89 20.03 -12.25
C GLU B 17 19.21 18.67 -12.66
N PRO B 18 19.53 18.12 -13.87
CA PRO B 18 18.87 16.88 -14.30
C PRO B 18 19.21 15.70 -13.42
N ALA B 19 18.26 14.73 -13.29
CA ALA B 19 18.49 13.48 -12.55
C ALA B 19 19.29 12.57 -13.51
N VAL B 20 20.45 12.09 -13.08
CA VAL B 20 21.36 11.28 -13.93
C VAL B 20 21.49 9.89 -13.34
N TYR B 21 21.15 8.89 -14.13
CA TYR B 21 21.24 7.48 -13.71
C TYR B 21 22.28 6.75 -14.54
N PRO B 22 23.17 5.96 -13.92
CA PRO B 22 24.14 5.20 -14.73
C PRO B 22 23.45 4.00 -15.38
N TRP B 23 24.00 3.53 -16.52
CA TRP B 23 23.53 2.31 -17.16
C TRP B 23 24.68 1.30 -17.07
N PRO B 24 24.49 0.03 -16.64
CA PRO B 24 23.25 -0.64 -16.21
C PRO B 24 22.61 0.07 -15.03
N LEU B 25 21.29 0.08 -14.96
CA LEU B 25 20.63 0.77 -13.87
C LEU B 25 20.82 0.05 -12.54
N PRO B 26 20.97 0.77 -11.41
CA PRO B 26 21.07 0.06 -10.12
C PRO B 26 19.81 -0.73 -9.76
N VAL B 27 20.01 -1.85 -9.09
CA VAL B 27 18.89 -2.65 -8.56
C VAL B 27 18.78 -2.20 -7.12
N TYR B 28 17.58 -1.94 -6.66
CA TYR B 28 17.37 -1.41 -5.33
C TYR B 28 17.20 -2.45 -4.23
N ASP B 29 16.09 -3.15 -4.27
CA ASP B 29 15.73 -4.21 -3.33
C ASP B 29 14.93 -5.15 -4.16
N LYS B 30 14.50 -6.26 -3.59
CA LYS B 30 13.77 -7.26 -4.37
C LYS B 30 12.57 -6.69 -5.16
N HIS B 31 11.86 -5.67 -4.63
CA HIS B 31 10.65 -5.16 -5.30
C HIS B 31 10.69 -3.68 -5.75
N HIS B 32 11.89 -3.12 -6.02
CA HIS B 32 12.06 -1.76 -6.54
C HIS B 32 13.27 -1.74 -7.47
N ASP B 33 13.11 -1.17 -8.68
CA ASP B 33 14.27 -1.03 -9.56
C ASP B 33 14.29 0.39 -10.15
N ALA B 34 15.48 0.87 -10.52
CA ALA B 34 15.69 2.20 -11.06
C ALA B 34 14.89 2.50 -12.34
N ALA B 35 14.66 1.50 -13.19
CA ALA B 35 13.90 1.63 -14.46
C ALA B 35 12.47 2.02 -14.18
N HIS B 36 11.83 1.33 -13.21
CA HIS B 36 10.47 1.60 -12.78
C HIS B 36 10.38 2.97 -12.10
N GLU B 37 11.40 3.34 -11.33
CA GLU B 37 11.47 4.65 -10.71
C GLU B 37 11.48 5.74 -11.81
N ILE B 38 12.23 5.52 -12.89
CA ILE B 38 12.29 6.45 -14.02
C ILE B 38 10.90 6.63 -14.66
N ILE B 39 10.25 5.51 -14.97
CA ILE B 39 8.93 5.50 -15.60
C ILE B 39 7.89 6.14 -14.73
N GLU B 40 7.90 5.83 -13.42
CA GLU B 40 6.93 6.40 -12.49
C GLU B 40 7.19 7.87 -12.27
N THR B 41 8.48 8.30 -12.25
CA THR B 41 8.84 9.72 -12.16
C THR B 41 8.21 10.50 -13.33
N ILE B 42 8.38 9.98 -14.58
CA ILE B 42 7.86 10.60 -15.81
C ILE B 42 6.33 10.68 -15.70
N ARG B 43 5.71 9.58 -15.30
CA ARG B 43 4.27 9.49 -15.11
C ARG B 43 3.75 10.51 -14.09
N TRP B 44 4.45 10.68 -12.93
CA TRP B 44 4.09 11.67 -11.92
C TRP B 44 4.20 13.08 -12.44
N VAL B 45 5.30 13.38 -13.14
CA VAL B 45 5.50 14.71 -13.72
C VAL B 45 4.39 15.02 -14.76
N CYS B 46 4.01 14.04 -15.58
CA CYS B 46 2.96 14.24 -16.56
C CYS B 46 1.62 14.48 -15.96
N GLU B 47 1.35 13.83 -14.83
CA GLU B 47 0.11 13.95 -14.10
C GLU B 47 -0.02 15.34 -13.52
N GLU B 48 1.08 15.88 -12.96
CA GLU B 48 1.19 17.20 -12.35
C GLU B 48 1.08 18.29 -13.39
N ILE B 49 1.67 18.10 -14.60
CA ILE B 49 1.72 19.17 -15.60
C ILE B 49 0.91 18.77 -16.81
N PRO B 50 -0.38 19.19 -16.85
CA PRO B 50 -1.24 18.82 -17.99
C PRO B 50 -0.67 19.13 -19.38
N ASP B 51 0.07 20.27 -19.55
CA ASP B 51 0.67 20.63 -20.86
C ASP B 51 1.74 19.61 -21.26
N LEU B 52 2.47 19.08 -20.26
CA LEU B 52 3.51 18.07 -20.47
C LEU B 52 2.94 16.74 -21.01
N LYS B 53 1.79 16.30 -20.49
CA LYS B 53 1.04 15.10 -20.95
C LYS B 53 0.56 15.36 -22.36
N LEU B 54 0.15 16.63 -22.66
CA LEU B 54 -0.24 17.05 -24.02
C LEU B 54 0.94 17.03 -24.97
N ALA B 55 2.10 17.55 -24.54
CA ALA B 55 3.27 17.64 -25.43
C ALA B 55 3.87 16.26 -25.69
N MET B 56 3.90 15.42 -24.67
CA MET B 56 4.52 14.12 -24.77
C MET B 56 3.76 13.14 -25.62
N GLU B 57 4.52 12.40 -26.47
CA GLU B 57 3.99 11.36 -27.37
C GLU B 57 3.56 10.15 -26.51
N ASN B 58 2.23 9.89 -26.45
CA ASN B 58 1.53 8.88 -25.62
C ASN B 58 2.24 7.50 -25.49
N TYR B 59 2.36 6.79 -26.63
CA TYR B 59 2.86 5.44 -26.82
C TYR B 59 4.11 5.06 -26.10
N VAL B 60 5.02 6.01 -25.79
CA VAL B 60 6.31 5.60 -25.23
C VAL B 60 6.18 5.06 -23.79
N LEU B 61 5.15 5.47 -23.04
CA LEU B 61 4.96 4.95 -21.69
C LEU B 61 4.27 3.60 -21.70
N ILE B 62 3.92 3.11 -22.89
CA ILE B 62 3.28 1.82 -23.06
C ILE B 62 4.36 0.81 -23.56
N ASP B 63 5.03 1.11 -24.68
CA ASP B 63 6.04 0.25 -25.26
C ASP B 63 7.45 0.64 -24.76
N TYR B 64 7.84 0.00 -23.68
CA TYR B 64 9.15 0.22 -23.08
C TYR B 64 9.71 -1.11 -22.64
N ASP B 65 11.01 -1.28 -22.86
CA ASP B 65 11.72 -2.47 -22.44
C ASP B 65 12.75 -1.98 -21.40
N THR B 66 12.53 -2.33 -20.13
CA THR B 66 13.39 -1.92 -19.02
C THR B 66 14.79 -2.51 -19.12
N LYS B 67 14.95 -3.59 -19.91
CA LYS B 67 16.20 -4.31 -20.10
C LYS B 67 16.93 -3.85 -21.36
N SER B 68 16.42 -2.82 -22.03
CA SER B 68 17.05 -2.30 -23.25
C SER B 68 17.50 -0.86 -23.06
N PHE B 69 18.82 -0.59 -23.22
CA PHE B 69 19.36 0.76 -23.06
C PHE B 69 18.71 1.70 -24.07
N GLU B 70 18.63 1.27 -25.35
CA GLU B 70 18.03 2.03 -26.44
C GLU B 70 16.59 2.38 -26.19
N SER B 71 15.81 1.45 -25.64
CA SER B 71 14.40 1.67 -25.33
C SER B 71 14.23 2.65 -24.15
N MET B 72 15.04 2.49 -23.08
CA MET B 72 15.01 3.39 -21.92
C MET B 72 15.52 4.81 -22.28
N GLN B 73 16.46 4.89 -23.20
CA GLN B 73 16.99 6.15 -23.69
C GLN B 73 15.95 6.89 -24.55
N ARG B 74 15.14 6.16 -25.32
CA ARG B 74 14.08 6.68 -26.19
C ARG B 74 12.98 7.29 -25.32
N LEU B 75 12.59 6.56 -24.27
CA LEU B 75 11.61 6.99 -23.29
C LEU B 75 12.06 8.33 -22.62
N CYS B 76 13.30 8.36 -22.12
CA CYS B 76 13.91 9.54 -21.50
C CYS B 76 14.03 10.69 -22.46
N ASP B 77 14.38 10.40 -23.72
CA ASP B 77 14.49 11.44 -24.74
C ASP B 77 13.12 12.09 -25.06
N LYS B 78 12.05 11.28 -25.12
CA LYS B 78 10.68 11.72 -25.39
C LYS B 78 10.21 12.64 -24.28
N TYR B 79 10.51 12.27 -23.04
CA TYR B 79 10.15 13.05 -21.88
C TYR B 79 10.95 14.38 -21.90
N ASN B 80 12.26 14.31 -22.10
CA ASN B 80 13.13 15.48 -22.13
C ASN B 80 12.77 16.50 -23.21
N ARG B 81 12.39 16.03 -24.42
CA ARG B 81 11.95 16.88 -25.53
C ARG B 81 10.63 17.57 -25.17
N ALA B 82 9.75 16.86 -24.49
CA ALA B 82 8.47 17.36 -24.04
C ALA B 82 8.65 18.48 -23.00
N ILE B 83 9.64 18.31 -22.09
CA ILE B 83 10.01 19.29 -21.08
C ILE B 83 10.52 20.56 -21.76
N ASP B 84 11.39 20.41 -22.77
CA ASP B 84 11.92 21.51 -23.59
C ASP B 84 10.81 22.30 -24.27
N SER B 85 9.78 21.59 -24.77
CA SER B 85 8.65 22.21 -25.47
C SER B 85 7.86 23.08 -24.53
N ILE B 86 7.56 22.55 -23.34
CA ILE B 86 6.82 23.17 -22.26
C ILE B 86 7.61 24.37 -21.72
N HIS B 87 8.95 24.27 -21.66
CA HIS B 87 9.79 25.40 -21.28
C HIS B 87 9.74 26.49 -22.32
N GLN B 88 9.59 26.14 -23.61
CA GLN B 88 9.46 27.13 -24.66
C GLN B 88 8.09 27.81 -24.57
N LEU B 89 7.04 27.01 -24.31
CA LEU B 89 5.68 27.47 -24.18
C LEU B 89 5.53 28.46 -23.02
N TRP B 90 6.21 28.18 -21.91
CA TRP B 90 6.19 29.05 -20.74
C TRP B 90 7.03 30.32 -20.91
N LYS B 91 8.05 30.33 -21.81
CA LYS B 91 8.84 31.53 -22.15
C LYS B 91 7.87 32.54 -22.81
N GLY B 92 7.09 32.08 -23.80
CA GLY B 92 6.11 32.89 -24.50
C GLY B 92 4.88 33.33 -23.70
N THR B 93 4.62 32.69 -22.55
CA THR B 93 3.47 32.99 -21.67
C THR B 93 3.95 33.51 -20.30
N PRO B 96 3.31 27.79 -14.53
CA PRO B 96 4.77 27.59 -14.41
C PRO B 96 5.27 27.47 -12.96
N MET B 97 5.25 28.58 -12.18
CA MET B 97 5.68 28.67 -10.78
C MET B 97 4.61 28.16 -9.80
N LYS B 98 3.36 27.91 -10.30
CA LYS B 98 2.22 27.34 -9.57
C LYS B 98 2.54 25.87 -9.18
N LEU B 99 3.78 25.43 -9.53
CA LEU B 99 4.34 24.13 -9.22
C LEU B 99 5.00 24.16 -7.83
N ASN B 100 5.46 25.37 -7.33
CA ASN B 100 6.08 25.53 -5.99
C ASN B 100 4.99 25.50 -4.91
N THR B 101 4.45 24.32 -4.76
CA THR B 101 3.37 23.93 -3.89
C THR B 101 3.80 22.69 -3.12
N ARG B 102 2.96 22.24 -2.16
CA ARG B 102 3.22 21.01 -1.43
C ARG B 102 2.99 19.84 -2.40
N PRO B 103 3.73 18.74 -2.26
CA PRO B 103 3.45 17.59 -3.12
C PRO B 103 2.11 16.92 -2.76
N SER B 104 1.40 16.39 -3.78
CA SER B 104 0.20 15.58 -3.52
C SER B 104 0.66 14.37 -2.67
N THR B 105 -0.25 13.70 -1.98
CA THR B 105 0.07 12.54 -1.16
C THR B 105 0.75 11.43 -1.98
N GLY B 106 0.21 11.14 -3.18
CA GLY B 106 0.75 10.15 -4.10
C GLY B 106 2.16 10.47 -4.58
N LEU B 107 2.43 11.73 -4.94
CA LEU B 107 3.75 12.13 -5.36
C LEU B 107 4.74 12.01 -4.20
N LEU B 108 4.33 12.43 -3.00
CA LEU B 108 5.15 12.34 -1.79
C LEU B 108 5.56 10.89 -1.48
N ARG B 109 4.65 9.92 -1.62
CA ARG B 109 5.01 8.50 -1.38
C ARG B 109 6.11 8.08 -2.36
N HIS B 110 5.95 8.47 -3.64
CA HIS B 110 6.96 8.24 -4.70
C HIS B 110 8.29 8.93 -4.35
N ILE B 111 8.26 10.23 -3.96
CA ILE B 111 9.47 10.97 -3.58
C ILE B 111 10.22 10.29 -2.42
N LEU B 112 9.48 9.88 -1.36
CA LEU B 112 10.09 9.27 -0.19
C LEU B 112 10.74 7.92 -0.55
N GLN B 113 10.06 7.14 -1.39
CA GLN B 113 10.59 5.88 -1.92
C GLN B 113 11.91 6.10 -2.68
N GLN B 114 11.91 7.09 -3.57
CA GLN B 114 13.01 7.51 -4.42
C GLN B 114 14.20 7.96 -3.56
N VAL B 115 13.91 8.77 -2.54
CA VAL B 115 14.89 9.25 -1.56
C VAL B 115 15.54 8.09 -0.80
N TYR B 116 14.73 7.16 -0.29
CA TYR B 116 15.23 5.96 0.39
C TYR B 116 16.14 5.14 -0.57
N ASN B 117 15.63 4.77 -1.77
CA ASN B 117 16.38 3.95 -2.72
C ASN B 117 17.72 4.53 -3.15
N HIS B 118 17.83 5.89 -3.25
CA HIS B 118 19.05 6.62 -3.58
C HIS B 118 19.92 6.81 -2.31
N SER B 119 19.36 6.65 -1.10
CA SER B 119 20.14 6.88 0.12
C SER B 119 20.65 5.60 0.75
N VAL B 120 19.79 4.59 0.86
CA VAL B 120 20.13 3.33 1.50
C VAL B 120 20.47 2.32 0.42
N THR B 121 21.70 2.44 -0.06
CA THR B 121 22.31 1.64 -1.12
C THR B 121 22.71 0.26 -0.65
N ASP B 122 23.12 0.12 0.63
CA ASP B 122 23.45 -1.17 1.23
C ASP B 122 22.32 -1.57 2.19
N PRO B 123 21.40 -2.45 1.74
CA PRO B 123 20.24 -2.81 2.58
C PRO B 123 20.55 -3.61 3.85
N GLU B 124 21.61 -4.44 3.82
CA GLU B 124 22.02 -5.29 4.95
C GLU B 124 22.27 -4.51 6.24
N LYS B 125 22.78 -3.26 6.13
CA LYS B 125 23.09 -2.35 7.24
C LYS B 125 21.88 -2.00 8.15
N LEU B 126 20.63 -2.13 7.65
CA LEU B 126 19.41 -1.86 8.43
C LEU B 126 18.66 -3.20 8.70
N GLU B 130 11.87 -5.59 12.02
CA GLU B 130 11.78 -6.48 10.87
C GLU B 130 10.47 -6.29 10.05
N PRO B 131 9.21 -6.42 10.57
CA PRO B 131 8.04 -6.19 9.70
C PRO B 131 7.75 -4.70 9.40
N PHE B 132 8.27 -3.77 10.25
CA PHE B 132 8.10 -2.33 10.06
C PHE B 132 9.42 -1.59 9.78
N SER B 133 10.29 -2.21 8.96
CA SER B 133 11.61 -1.70 8.59
C SER B 133 11.56 -0.51 7.60
N PRO B 134 12.61 0.36 7.58
CA PRO B 134 12.60 1.51 6.65
C PRO B 134 12.30 1.16 5.20
N GLU B 135 12.75 -0.03 4.73
CA GLU B 135 12.53 -0.50 3.35
C GLU B 135 11.04 -0.63 3.01
N VAL B 136 10.16 -0.85 4.01
CA VAL B 136 8.74 -1.03 3.75
C VAL B 136 7.88 0.13 4.26
N TYR B 137 8.52 1.27 4.49
CA TYR B 137 7.87 2.47 4.98
C TYR B 137 6.65 2.88 4.16
N GLY B 138 6.77 2.83 2.83
CA GLY B 138 5.71 3.19 1.89
C GLY B 138 4.49 2.29 1.96
N GLU B 139 4.64 1.02 2.41
CA GLU B 139 3.60 -0.01 2.45
C GLU B 139 2.54 0.12 3.60
N THR B 140 2.89 0.51 4.82
CA THR B 140 1.82 0.69 5.85
C THR B 140 2.00 2.01 6.63
N SER B 141 3.27 2.31 7.02
CA SER B 141 3.57 3.52 7.79
C SER B 141 3.21 4.82 7.08
N PHE B 142 3.41 4.89 5.74
CA PHE B 142 3.18 6.14 5.02
C PHE B 142 1.71 6.59 5.14
N ASP B 143 0.78 5.68 4.84
CA ASP B 143 -0.66 5.93 4.90
C ASP B 143 -1.12 6.25 6.31
N LEU B 144 -0.49 5.63 7.30
CA LEU B 144 -0.79 5.84 8.70
C LEU B 144 -0.32 7.19 9.15
N VAL B 145 0.91 7.58 8.76
CA VAL B 145 1.46 8.89 9.07
C VAL B 145 0.61 9.99 8.39
N ALA B 146 0.11 9.72 7.17
CA ALA B 146 -0.75 10.65 6.44
C ALA B 146 -2.06 10.90 7.23
N GLN B 147 -2.63 9.84 7.82
CA GLN B 147 -3.83 9.89 8.67
C GLN B 147 -3.55 10.71 9.92
N MET B 148 -2.36 10.51 10.54
CA MET B 148 -1.92 11.21 11.73
C MET B 148 -1.79 12.72 11.45
N ILE B 149 -1.21 13.07 10.30
CA ILE B 149 -1.04 14.45 9.85
C ILE B 149 -2.42 15.13 9.72
N ASP B 150 -3.42 14.44 9.11
CA ASP B 150 -4.78 14.96 8.93
C ASP B 150 -5.54 15.08 10.23
N GLU B 151 -5.25 14.21 11.22
CA GLU B 151 -5.91 14.27 12.51
C GLU B 151 -5.37 15.38 13.41
N ILE B 152 -4.07 15.34 13.68
CA ILE B 152 -3.37 16.29 14.52
C ILE B 152 -3.14 17.51 13.63
N LYS B 153 -4.01 18.51 13.73
CA LYS B 153 -3.89 19.67 12.84
C LYS B 153 -2.82 20.61 13.36
N MET B 154 -1.68 20.62 12.66
CA MET B 154 -0.49 21.40 12.98
C MET B 154 -0.48 22.73 12.23
N THR B 155 -0.07 23.81 12.92
CA THR B 155 -0.01 25.17 12.38
C THR B 155 1.43 25.68 12.47
N ASP B 156 1.66 26.92 11.99
CA ASP B 156 2.95 27.63 12.02
C ASP B 156 3.48 27.88 13.45
N ASP B 157 2.60 27.80 14.45
CA ASP B 157 2.97 27.98 15.87
C ASP B 157 3.54 26.69 16.46
N ASP B 158 3.39 25.56 15.75
CA ASP B 158 3.84 24.28 16.23
C ASP B 158 5.30 23.97 15.97
N LEU B 159 5.90 23.25 16.91
CA LEU B 159 7.23 22.69 16.82
C LEU B 159 7.00 21.19 16.93
N PHE B 160 7.49 20.46 15.92
CA PHE B 160 7.33 19.02 15.80
C PHE B 160 8.66 18.28 16.03
N VAL B 161 8.61 17.15 16.77
CA VAL B 161 9.77 16.29 17.03
C VAL B 161 9.37 14.81 16.87
N ASP B 162 10.17 14.04 16.11
CA ASP B 162 10.00 12.59 16.03
C ASP B 162 11.17 12.01 16.84
N LEU B 163 10.85 11.42 18.02
CA LEU B 163 11.85 10.88 18.97
C LEU B 163 12.25 9.48 18.56
N GLY B 164 13.46 9.33 18.01
CA GLY B 164 13.93 8.07 17.46
C GLY B 164 13.51 8.03 16.01
N SER B 165 14.00 9.03 15.26
CA SER B 165 13.63 9.28 13.89
C SER B 165 14.19 8.32 12.84
N GLY B 166 15.09 7.43 13.24
CA GLY B 166 15.70 6.47 12.32
C GLY B 166 16.39 7.13 11.15
N VAL B 167 16.03 6.72 9.92
CA VAL B 167 16.61 7.31 8.69
C VAL B 167 15.89 8.63 8.34
N GLY B 168 14.87 9.02 9.12
CA GLY B 168 14.16 10.30 8.99
C GLY B 168 12.87 10.37 8.21
N GLN B 169 12.34 9.22 7.79
CA GLN B 169 11.13 9.07 6.96
C GLN B 169 9.88 9.84 7.45
N VAL B 170 9.56 9.75 8.76
CA VAL B 170 8.41 10.45 9.33
C VAL B 170 8.63 11.96 9.29
N VAL B 171 9.84 12.44 9.68
CA VAL B 171 10.17 13.87 9.66
C VAL B 171 10.01 14.45 8.26
N LEU B 172 10.55 13.77 7.23
CA LEU B 172 10.45 14.19 5.83
C LEU B 172 8.99 14.25 5.34
N GLN B 173 8.19 13.25 5.73
CA GLN B 173 6.77 13.22 5.37
C GLN B 173 5.98 14.37 6.02
N VAL B 174 6.14 14.56 7.34
CA VAL B 174 5.50 15.63 8.08
C VAL B 174 5.96 17.00 7.55
N ALA B 175 7.27 17.19 7.32
CA ALA B 175 7.79 18.46 6.77
C ALA B 175 7.23 18.78 5.37
N ALA B 176 7.03 17.75 4.53
CA ALA B 176 6.45 17.97 3.19
C ALA B 176 4.97 18.26 3.26
N ALA B 177 4.29 17.90 4.37
CA ALA B 177 2.85 18.03 4.52
C ALA B 177 2.37 19.17 5.39
N THR B 178 3.17 19.62 6.38
CA THR B 178 2.70 20.65 7.31
C THR B 178 3.46 21.97 7.26
N ASN B 179 2.93 22.97 7.98
CA ASN B 179 3.58 24.27 8.09
C ASN B 179 4.12 24.56 9.51
N CYS B 180 4.57 23.53 10.31
CA CYS B 180 5.20 23.75 11.63
C CYS B 180 6.38 24.66 11.40
N LYS B 181 6.74 25.52 12.38
CA LYS B 181 7.92 26.38 12.20
C LYS B 181 9.18 25.53 11.95
N HIS B 182 9.27 24.34 12.59
CA HIS B 182 10.40 23.43 12.41
C HIS B 182 10.02 22.00 12.76
N HIS B 183 10.68 21.04 12.12
CA HIS B 183 10.48 19.61 12.33
C HIS B 183 11.79 19.02 12.69
N TYR B 184 11.84 18.33 13.82
CA TYR B 184 13.10 17.72 14.22
C TYR B 184 12.98 16.23 14.29
N GLY B 185 14.07 15.59 13.94
CA GLY B 185 14.24 14.16 14.05
C GLY B 185 15.50 13.94 14.84
N VAL B 186 15.38 13.24 15.97
CA VAL B 186 16.53 12.89 16.82
C VAL B 186 16.70 11.36 16.81
N GLU B 187 17.91 10.90 16.43
CA GLU B 187 18.25 9.47 16.37
C GLU B 187 19.58 9.19 17.10
N LYS B 188 19.57 8.21 18.02
CA LYS B 188 20.74 7.82 18.81
C LYS B 188 21.65 6.85 18.05
N ALA B 189 21.09 5.82 17.37
CA ALA B 189 21.85 4.81 16.65
C ALA B 189 22.67 5.37 15.49
N ASP B 190 23.93 4.91 15.37
CA ASP B 190 24.92 5.37 14.39
C ASP B 190 24.54 5.14 12.95
N ILE B 191 24.24 3.88 12.56
CA ILE B 191 23.88 3.50 11.18
C ILE B 191 22.64 4.28 10.69
N PRO B 192 21.48 4.30 11.40
CA PRO B 192 20.34 5.10 10.91
C PRO B 192 20.65 6.59 10.80
N ALA B 193 21.31 7.19 11.82
CA ALA B 193 21.69 8.61 11.84
C ALA B 193 22.60 8.98 10.66
N LYS B 194 23.55 8.09 10.32
CA LYS B 194 24.45 8.30 9.17
C LYS B 194 23.62 8.29 7.89
N TYR B 195 22.72 7.29 7.75
CA TYR B 195 21.81 7.18 6.60
C TYR B 195 20.87 8.39 6.48
N ALA B 196 20.43 8.97 7.62
CA ALA B 196 19.56 10.16 7.69
C ALA B 196 20.20 11.37 7.01
N GLU B 197 21.56 11.47 7.06
CA GLU B 197 22.33 12.55 6.42
C GLU B 197 22.19 12.51 4.91
N THR B 198 22.21 11.30 4.32
CA THR B 198 22.01 11.14 2.88
C THR B 198 20.54 11.39 2.53
N MET B 199 19.58 10.81 3.32
CA MET B 199 18.12 10.98 3.17
C MET B 199 17.78 12.48 3.11
N ASP B 200 18.35 13.26 4.03
CA ASP B 200 18.21 14.71 4.09
C ASP B 200 18.65 15.38 2.76
N ARG B 201 19.88 15.09 2.29
CA ARG B 201 20.44 15.62 1.05
C ARG B 201 19.58 15.24 -0.17
N GLU B 202 19.24 13.95 -0.28
CA GLU B 202 18.42 13.42 -1.36
C GLU B 202 17.02 14.00 -1.37
N PHE B 203 16.41 14.22 -0.18
CA PHE B 203 15.06 14.79 -0.07
C PHE B 203 15.06 16.22 -0.60
N ARG B 204 16.01 17.05 -0.12
CA ARG B 204 16.13 18.43 -0.55
C ARG B 204 16.34 18.51 -2.05
N LYS B 205 17.21 17.64 -2.60
CA LYS B 205 17.54 17.61 -4.02
C LYS B 205 16.31 17.23 -4.86
N TRP B 206 15.65 16.08 -4.55
CA TRP B 206 14.45 15.61 -5.27
C TRP B 206 13.29 16.59 -5.18
N MET B 207 13.04 17.16 -4.00
CA MET B 207 11.98 18.16 -3.84
C MET B 207 12.22 19.36 -4.76
N LYS B 208 13.48 19.79 -4.90
CA LYS B 208 13.86 20.86 -5.82
C LYS B 208 13.64 20.42 -7.27
N TRP B 209 13.98 19.17 -7.58
CA TRP B 209 13.84 18.62 -8.95
C TRP B 209 12.37 18.69 -9.42
N TYR B 210 11.41 18.31 -8.54
CA TYR B 210 9.97 18.35 -8.82
C TYR B 210 9.40 19.75 -8.68
N GLY B 211 10.11 20.64 -7.97
CA GLY B 211 9.67 21.99 -7.70
C GLY B 211 8.67 22.03 -6.57
N LYS B 212 8.87 21.20 -5.57
CA LYS B 212 7.96 21.05 -4.42
C LYS B 212 8.47 21.70 -3.16
N LYS B 213 7.56 22.29 -2.41
CA LYS B 213 7.81 22.97 -1.15
C LYS B 213 7.73 21.99 0.03
N HIS B 214 8.50 22.26 1.07
CA HIS B 214 8.53 21.56 2.34
C HIS B 214 8.88 22.57 3.41
N ALA B 215 8.46 22.30 4.63
CA ALA B 215 8.74 23.12 5.81
C ALA B 215 10.20 22.90 6.23
N GLU B 216 10.69 23.71 7.15
CA GLU B 216 12.06 23.53 7.61
C GLU B 216 12.15 22.32 8.53
N TYR B 217 13.25 21.59 8.43
CA TYR B 217 13.44 20.39 9.22
C TYR B 217 14.91 20.14 9.45
N THR B 218 15.23 19.44 10.54
CA THR B 218 16.59 19.04 10.91
C THR B 218 16.58 17.61 11.39
N LEU B 219 17.48 16.79 10.84
CA LEU B 219 17.72 15.41 11.27
C LEU B 219 19.03 15.45 12.03
N GLU B 220 18.97 15.16 13.34
CA GLU B 220 20.11 15.22 14.26
C GLU B 220 20.44 13.87 14.84
N ARG B 221 21.69 13.70 15.25
CA ARG B 221 22.16 12.54 16.00
C ARG B 221 22.09 12.98 17.47
N GLY B 222 21.57 12.11 18.32
CA GLY B 222 21.49 12.42 19.75
C GLY B 222 20.65 11.47 20.55
N ASP B 223 20.72 11.60 21.88
CA ASP B 223 19.97 10.81 22.84
C ASP B 223 18.86 11.72 23.35
N PHE B 224 17.57 11.38 23.03
CA PHE B 224 16.44 12.19 23.46
C PHE B 224 16.22 12.16 24.98
N LEU B 225 16.98 11.33 25.71
CA LEU B 225 16.90 11.26 27.15
C LEU B 225 18.00 12.10 27.83
N SER B 226 18.84 12.80 27.04
CA SER B 226 19.93 13.63 27.57
C SER B 226 19.40 14.94 28.21
N GLU B 227 20.26 15.64 28.97
CA GLU B 227 19.93 16.93 29.61
C GLU B 227 19.51 18.00 28.62
N GLU B 228 20.25 18.11 27.50
CA GLU B 228 19.99 19.03 26.39
C GLU B 228 18.55 18.83 25.90
N TRP B 229 18.14 17.56 25.72
CA TRP B 229 16.82 17.21 25.22
C TRP B 229 15.66 17.36 26.22
N ARG B 230 15.95 17.57 27.52
CA ARG B 230 14.93 17.78 28.56
C ARG B 230 14.12 19.06 28.27
N GLU B 231 14.82 20.18 28.05
CA GLU B 231 14.21 21.47 27.76
C GLU B 231 13.60 21.49 26.38
N ARG B 232 14.24 20.80 25.42
CA ARG B 232 13.75 20.66 24.04
C ARG B 232 12.39 19.95 24.00
N ILE B 233 12.20 18.89 24.79
CA ILE B 233 10.92 18.17 24.88
C ILE B 233 9.85 19.07 25.53
N ALA B 234 10.22 19.78 26.59
CA ALA B 234 9.37 20.71 27.33
C ALA B 234 8.81 21.81 26.42
N ASN B 235 9.60 22.22 25.39
CA ASN B 235 9.22 23.30 24.49
C ASN B 235 8.65 22.82 23.15
N THR B 236 8.45 21.49 22.99
CA THR B 236 7.86 20.92 21.77
C THR B 236 6.35 20.87 21.93
N SER B 237 5.59 21.32 20.92
CA SER B 237 4.13 21.30 21.00
C SER B 237 3.54 19.98 20.48
N VAL B 238 4.27 19.31 19.54
CA VAL B 238 3.83 18.04 18.94
C VAL B 238 4.99 17.06 18.94
N ILE B 239 4.89 16.00 19.72
CA ILE B 239 5.89 14.94 19.74
C ILE B 239 5.26 13.69 19.10
N PHE B 240 6.00 13.06 18.19
CA PHE B 240 5.66 11.76 17.62
C PHE B 240 6.71 10.79 18.17
N VAL B 241 6.27 9.66 18.73
CA VAL B 241 7.23 8.71 19.25
C VAL B 241 6.76 7.28 19.00
N ASN B 242 7.57 6.49 18.28
CA ASN B 242 7.26 5.08 18.07
C ASN B 242 7.85 4.35 19.27
N ASN B 243 7.08 4.30 20.37
CA ASN B 243 7.49 3.74 21.65
C ASN B 243 7.18 2.27 21.77
N PHE B 244 6.74 1.64 20.67
CA PHE B 244 6.36 0.24 20.62
C PHE B 244 7.34 -0.72 21.31
N ALA B 245 8.65 -0.58 21.05
CA ALA B 245 9.70 -1.46 21.58
C ALA B 245 10.43 -0.93 22.84
N PHE B 246 9.99 0.22 23.39
CA PHE B 246 10.63 0.83 24.56
C PHE B 246 10.53 0.01 25.83
N GLY B 247 11.65 -0.12 26.52
CA GLY B 247 11.73 -0.81 27.81
C GLY B 247 11.06 0.00 28.91
N PRO B 248 10.88 -0.55 30.14
CA PRO B 248 10.21 0.24 31.19
C PRO B 248 11.00 1.47 31.65
N GLU B 249 12.35 1.40 31.62
CA GLU B 249 13.22 2.49 32.02
C GLU B 249 13.14 3.65 31.02
N VAL B 250 13.20 3.36 29.71
CA VAL B 250 13.08 4.36 28.67
C VAL B 250 11.70 5.04 28.79
N ASP B 251 10.62 4.22 28.91
CA ASP B 251 9.24 4.67 29.07
C ASP B 251 9.08 5.57 30.30
N HIS B 252 9.67 5.17 31.45
CA HIS B 252 9.63 5.92 32.69
C HIS B 252 10.32 7.29 32.54
N GLN B 253 11.52 7.32 31.92
CA GLN B 253 12.26 8.55 31.68
C GLN B 253 11.50 9.48 30.74
N LEU B 254 10.87 8.91 29.72
CA LEU B 254 10.09 9.65 28.73
C LEU B 254 8.88 10.33 29.38
N LYS B 255 8.14 9.60 30.23
CA LYS B 255 7.01 10.16 30.99
C LYS B 255 7.46 11.37 31.85
N GLU B 256 8.67 11.32 32.39
CA GLU B 256 9.30 12.38 33.19
C GLU B 256 9.56 13.62 32.30
N ARG B 257 10.03 13.41 31.06
CA ARG B 257 10.27 14.46 30.05
C ARG B 257 8.95 15.12 29.67
N PHE B 258 7.92 14.29 29.41
CA PHE B 258 6.57 14.76 29.05
C PHE B 258 5.91 15.59 30.13
N ALA B 259 6.18 15.26 31.42
CA ALA B 259 5.67 15.98 32.58
C ALA B 259 6.05 17.47 32.60
N ASN B 260 7.11 17.85 31.87
CA ASN B 260 7.53 19.25 31.74
C ASN B 260 6.89 19.98 30.55
N MET B 261 6.02 19.31 29.77
CA MET B 261 5.41 19.97 28.59
C MET B 261 4.34 21.00 28.99
N LYS B 262 4.04 21.94 28.07
CA LYS B 262 3.05 23.01 28.24
C LYS B 262 1.63 22.46 28.03
N GLU B 263 0.58 23.13 28.58
CA GLU B 263 -0.80 22.72 28.36
C GLU B 263 -1.08 22.67 26.87
N GLY B 264 -1.84 21.67 26.44
CA GLY B 264 -2.19 21.52 25.03
C GLY B 264 -1.11 20.86 24.19
N GLY B 265 0.03 20.57 24.81
CA GLY B 265 1.13 19.85 24.20
C GLY B 265 0.63 18.47 23.87
N ARG B 266 1.01 17.96 22.69
CA ARG B 266 0.49 16.67 22.20
C ARG B 266 1.57 15.67 21.91
N ILE B 267 1.27 14.40 22.20
CA ILE B 267 2.13 13.23 21.99
C ILE B 267 1.35 12.18 21.22
N VAL B 268 1.89 11.80 20.06
CA VAL B 268 1.32 10.78 19.20
C VAL B 268 2.28 9.59 19.26
N SER B 269 1.79 8.46 19.78
CA SER B 269 2.62 7.27 19.94
C SER B 269 1.96 6.01 19.43
N SER B 270 2.74 4.90 19.38
CA SER B 270 2.28 3.58 18.96
C SER B 270 1.66 2.77 20.13
N LYS B 271 2.05 3.05 21.38
CA LYS B 271 1.45 2.43 22.58
C LYS B 271 1.08 3.58 23.53
N PRO B 272 -0.09 3.55 24.24
CA PRO B 272 -0.42 4.68 25.13
C PRO B 272 0.55 4.78 26.29
N PHE B 273 0.85 6.01 26.75
CA PHE B 273 1.72 6.25 27.90
C PHE B 273 0.93 6.18 29.20
N ALA B 274 -0.38 6.33 29.13
CA ALA B 274 -1.28 6.24 30.29
C ALA B 274 -2.50 5.41 29.86
N PRO B 275 -3.18 4.71 30.79
CA PRO B 275 -4.37 3.95 30.36
C PRO B 275 -5.44 4.89 29.82
N LEU B 276 -6.19 4.38 28.86
CA LEU B 276 -7.27 5.09 28.17
C LEU B 276 -8.41 5.40 29.12
N ASN B 277 -8.57 4.56 30.16
CA ASN B 277 -9.59 4.60 31.20
C ASN B 277 -8.98 4.99 32.55
N PHE B 278 -7.94 5.86 32.57
CA PHE B 278 -7.31 6.30 33.81
C PHE B 278 -8.32 6.99 34.69
N ARG B 279 -8.39 6.54 35.96
CA ARG B 279 -9.27 7.11 36.97
C ARG B 279 -8.39 7.50 38.14
N ILE B 280 -8.22 8.83 38.32
CA ILE B 280 -7.40 9.45 39.36
C ILE B 280 -7.88 9.03 40.76
N ASN B 281 -6.95 8.49 41.55
CA ASN B 281 -7.20 8.09 42.92
C ASN B 281 -6.00 8.44 43.82
N SER B 282 -6.06 8.02 45.09
CA SER B 282 -5.04 8.27 46.11
C SER B 282 -3.75 7.50 45.82
N ARG B 283 -3.86 6.25 45.34
CA ARG B 283 -2.73 5.35 45.06
C ARG B 283 -2.00 5.58 43.72
N ASN B 284 -2.50 6.50 42.86
CA ASN B 284 -1.89 6.73 41.55
C ASN B 284 -1.72 8.22 41.19
N LEU B 285 -1.33 9.06 42.17
CA LEU B 285 -1.14 10.48 41.91
C LEU B 285 0.18 10.83 41.19
N SER B 286 1.15 9.89 41.19
CA SER B 286 2.46 10.05 40.56
C SER B 286 2.47 9.61 39.08
N ASP B 287 1.36 9.02 38.62
CA ASP B 287 1.20 8.53 37.26
C ASP B 287 0.95 9.65 36.27
N ILE B 288 1.52 9.53 35.06
CA ILE B 288 1.38 10.51 33.97
C ILE B 288 -0.10 10.78 33.59
N GLY B 289 -0.97 9.78 33.75
CA GLY B 289 -2.40 9.88 33.49
C GLY B 289 -3.14 11.00 34.20
N THR B 290 -2.54 11.56 35.26
CA THR B 290 -3.09 12.66 36.05
C THR B 290 -2.98 14.02 35.32
N ILE B 291 -2.04 14.17 34.36
CA ILE B 291 -1.80 15.44 33.66
C ILE B 291 -2.02 15.36 32.16
N MET B 292 -2.62 14.28 31.67
CA MET B 292 -2.87 14.19 30.23
C MET B 292 -4.09 13.38 29.86
N ARG B 293 -4.77 13.82 28.80
CA ARG B 293 -5.88 13.09 28.19
C ARG B 293 -5.24 12.11 27.21
N VAL B 294 -5.85 10.94 27.03
CA VAL B 294 -5.36 9.91 26.09
C VAL B 294 -6.51 9.41 25.28
N VAL B 295 -6.36 9.38 23.95
CA VAL B 295 -7.37 8.85 23.05
C VAL B 295 -6.75 7.89 22.05
N GLU B 296 -7.46 6.80 21.76
CA GLU B 296 -7.03 5.82 20.79
C GLU B 296 -7.71 6.24 19.52
N LEU B 297 -6.89 6.45 18.49
CA LEU B 297 -7.35 6.82 17.18
C LEU B 297 -7.04 5.68 16.23
N SER B 298 -7.97 5.38 15.37
CA SER B 298 -7.79 4.28 14.44
C SER B 298 -8.25 4.66 13.06
N PRO B 299 -7.42 4.52 12.02
CA PRO B 299 -7.89 4.80 10.66
C PRO B 299 -9.12 3.99 10.21
N LEU B 300 -9.37 2.80 10.81
CA LEU B 300 -10.54 1.97 10.53
C LEU B 300 -11.87 2.58 11.00
N LYS B 301 -11.87 3.40 12.07
CA LYS B 301 -13.07 4.09 12.58
C LYS B 301 -13.14 5.56 12.13
N VAL B 304 -13.42 8.33 5.19
CA VAL B 304 -12.48 7.54 5.98
C VAL B 304 -12.48 6.06 5.54
N SER B 305 -12.30 5.80 4.21
CA SER B 305 -12.29 4.46 3.60
C SER B 305 -10.88 3.79 3.61
N TRP B 306 -10.47 3.31 4.82
CA TRP B 306 -9.19 2.63 5.10
C TRP B 306 -9.23 1.15 4.71
N THR B 307 -8.21 0.70 3.96
CA THR B 307 -8.10 -0.68 3.50
C THR B 307 -6.75 -1.32 3.92
N GLY B 308 -5.97 -0.64 4.76
CA GLY B 308 -4.70 -1.15 5.26
C GLY B 308 -4.85 -1.97 6.54
N LYS B 309 -3.72 -2.19 7.26
CA LYS B 309 -3.69 -2.95 8.55
C LYS B 309 -4.57 -2.33 9.63
N PRO B 310 -5.22 -3.13 10.50
CA PRO B 310 -6.00 -2.56 11.62
C PRO B 310 -5.05 -2.05 12.71
N VAL B 311 -4.49 -0.90 12.49
CA VAL B 311 -3.50 -0.30 13.37
C VAL B 311 -4.04 0.96 14.06
N SER B 312 -3.68 1.15 15.34
CA SER B 312 -4.10 2.30 16.12
C SER B 312 -2.94 3.20 16.46
N TYR B 313 -3.24 4.46 16.74
CA TYR B 313 -2.27 5.41 17.26
C TYR B 313 -2.92 6.12 18.44
N TYR B 314 -2.09 6.63 19.35
CA TYR B 314 -2.55 7.20 20.61
C TYR B 314 -2.17 8.65 20.72
N LEU B 315 -3.18 9.49 20.91
CA LEU B 315 -3.03 10.93 21.06
C LEU B 315 -3.17 11.34 22.53
N HIS B 316 -2.07 11.85 23.12
CA HIS B 316 -2.00 12.34 24.51
C HIS B 316 -1.97 13.87 24.46
N THR B 317 -2.77 14.52 25.29
CA THR B 317 -2.81 15.97 25.36
C THR B 317 -2.58 16.39 26.79
N ILE B 318 -1.57 17.26 27.01
CA ILE B 318 -1.24 17.78 28.34
C ILE B 318 -2.43 18.61 28.82
N ASP B 319 -3.03 18.15 29.94
CA ASP B 319 -4.22 18.72 30.58
C ASP B 319 -4.12 18.55 32.10
N ARG B 320 -3.58 19.59 32.77
CA ARG B 320 -3.36 19.56 34.21
C ARG B 320 -4.65 19.72 35.03
N THR B 321 -5.80 19.96 34.37
CA THR B 321 -7.11 20.08 35.04
C THR B 321 -7.55 18.78 35.72
N ILE B 322 -7.07 17.60 35.23
CA ILE B 322 -7.37 16.28 35.81
C ILE B 322 -6.87 16.24 37.26
N LEU B 323 -5.68 16.81 37.48
CA LEU B 323 -5.03 16.92 38.79
C LEU B 323 -5.67 18.02 39.64
N GLU B 324 -5.85 19.23 39.07
CA GLU B 324 -6.47 20.41 39.69
C GLU B 324 -7.88 20.11 40.23
N ASN B 325 -8.69 19.31 39.47
CA ASN B 325 -10.05 18.94 39.89
C ASN B 325 -10.08 17.96 41.04
N TYR B 326 -9.13 16.98 41.04
CA TYR B 326 -9.00 15.97 42.10
C TYR B 326 -8.65 16.63 43.43
N PHE B 327 -7.80 17.66 43.40
CA PHE B 327 -7.42 18.38 44.60
C PHE B 327 -8.56 19.24 45.13
N SER B 328 -9.32 19.92 44.23
CA SER B 328 -10.48 20.74 44.60
C SER B 328 -11.58 19.89 45.27
N SER B 329 -11.76 18.63 44.79
CA SER B 329 -12.73 17.67 45.35
C SER B 329 -12.25 17.10 46.71
N LEU B 330 -10.92 17.13 46.97
CA LEU B 330 -10.35 16.67 48.24
C LEU B 330 -10.46 17.78 49.31
N LYS B 331 -10.46 19.06 48.87
CA LYS B 331 -10.58 20.26 49.70
C LYS B 331 -12.05 20.59 50.01
N ASN B 332 -12.96 20.34 49.03
CA ASN B 332 -14.40 20.58 49.14
C ASN B 332 -15.16 19.30 48.82
#